data_3AC4
#
_entry.id   3AC4
#
_cell.length_a   42.267
_cell.length_b   73.640
_cell.length_c   93.098
_cell.angle_alpha   90.00
_cell.angle_beta   90.00
_cell.angle_gamma   90.00
#
_symmetry.space_group_name_H-M   'P 21 21 21'
#
loop_
_entity.id
_entity.type
_entity.pdbx_description
1 polymer 'Proto-oncogene tyrosine-protein kinase LCK'
2 non-polymer 'SULFATE ION'
3 non-polymer 'DIMETHYL SULFOXIDE'
4 non-polymer 5-[(2-amino-1,1-dimethylethyl)amino]-7-[(3,5-dimethoxyphenyl)amino][1,2,4]triazolo[4,3-c]pyrimidine-8-carboxamide
5 water water
#
_entity_poly.entity_id   1
_entity_poly.type   'polypeptide(L)'
_entity_poly.pdbx_seq_one_letter_code
;QTQKPQKPWWEDEWEVPRETLKLVERLGAGQFGEVWMGYYNGHTKVAVKSLKQGSMSPDAFLAEANLMKQLQHQRLVRLY
AVVTQEPIYIITEYMENGSLVDFLKTPSGIKLTINKLLDMAAQIAEGMAFIEERNYIHRDLRAANILVSDTLSCKIADFG
LARLIEDNE(PTR)TAREGAKFPIKWTAPEAINYGTFTIKSDVWSFGILLTEIVTHGRIPYPGMTNPEVIQNLERGYRMV
RPDNCPEELYQLMRLCWKERPEDRPTFDYLRSVLEDFFTATEGQYQPQP
;
_entity_poly.pdbx_strand_id   A
#
# COMPACT_ATOMS: atom_id res chain seq x y z
N LYS A 7 -21.19 1.95 16.39
CA LYS A 7 -21.55 3.12 17.25
C LYS A 7 -21.98 4.29 16.39
N PRO A 8 -23.05 4.99 16.81
CA PRO A 8 -23.52 6.18 16.10
C PRO A 8 -22.56 7.35 16.29
N TRP A 9 -22.55 8.28 15.34
CA TRP A 9 -21.57 9.37 15.33
C TRP A 9 -21.43 10.15 16.65
N TRP A 10 -22.52 10.28 17.39
CA TRP A 10 -22.48 11.02 18.66
C TRP A 10 -21.90 10.18 19.79
N GLU A 11 -21.39 9.00 19.43
CA GLU A 11 -20.76 8.10 20.39
C GLU A 11 -19.44 7.57 19.86
N ASP A 12 -19.19 7.77 18.57
CA ASP A 12 -17.98 7.26 17.93
C ASP A 12 -16.75 8.03 18.39
N GLU A 13 -15.80 7.32 18.98
CA GLU A 13 -14.57 7.96 19.47
C GLU A 13 -13.73 8.57 18.35
N TRP A 14 -14.02 8.23 17.10
CA TRP A 14 -13.29 8.80 15.97
C TRP A 14 -13.96 10.01 15.34
N GLU A 15 -15.13 10.37 15.82
CA GLU A 15 -15.85 11.53 15.29
C GLU A 15 -15.35 12.81 15.96
N VAL A 16 -14.90 13.77 15.14
CA VAL A 16 -14.54 15.10 15.63
C VAL A 16 -15.40 16.17 14.96
N PRO A 17 -15.66 17.28 15.68
CA PRO A 17 -16.35 18.39 15.03
C PRO A 17 -15.45 19.06 14.02
N ARG A 18 -16.00 19.41 12.86
CA ARG A 18 -15.22 19.93 11.73
C ARG A 18 -14.37 21.15 12.08
N GLU A 19 -14.79 21.92 13.08
CA GLU A 19 -14.05 23.14 13.45
C GLU A 19 -12.63 22.85 13.95
N THR A 20 -12.42 21.67 14.49
CA THR A 20 -11.08 21.30 14.98
C THR A 20 -10.09 21.20 13.83
N LEU A 21 -10.60 21.06 12.61
CA LEU A 21 -9.75 20.89 11.44
C LEU A 21 -9.45 22.21 10.73
N LYS A 22 -8.38 22.20 9.93
CA LYS A 22 -7.95 23.40 9.24
C LYS A 22 -7.10 23.00 8.04
N LEU A 23 -7.76 22.84 6.89
CA LEU A 23 -7.07 22.49 5.65
C LEU A 23 -6.16 23.65 5.24
N VAL A 24 -4.87 23.34 5.07
CA VAL A 24 -3.87 24.37 4.80
C VAL A 24 -3.25 24.29 3.41
N GLU A 25 -2.92 23.07 2.98
CA GLU A 25 -2.29 22.86 1.68
C GLU A 25 -2.89 21.66 0.96
N ARG A 26 -3.36 21.87 -0.27
CA ARG A 26 -3.97 20.77 -1.02
C ARG A 26 -2.92 19.91 -1.70
N LEU A 27 -2.90 18.63 -1.35
CA LEU A 27 -1.90 17.70 -1.88
C LEU A 27 -2.36 17.01 -3.15
N GLY A 28 -3.68 16.81 -3.27
CA GLY A 28 -4.25 16.14 -4.44
C GLY A 28 -5.72 16.43 -4.69
N ALA A 29 -6.12 16.38 -5.96
CA ALA A 29 -7.51 16.52 -6.37
C ALA A 29 -7.81 15.51 -7.47
N GLY A 30 -8.84 14.69 -7.25
CA GLY A 30 -9.21 13.67 -8.21
C GLY A 30 -10.70 13.66 -8.45
N GLN A 31 -11.19 12.60 -9.08
CA GLN A 31 -12.59 12.51 -9.45
C GLN A 31 -13.50 12.40 -8.22
N PHE A 32 -13.01 11.71 -7.19
CA PHE A 32 -13.83 11.39 -6.04
C PHE A 32 -13.65 12.32 -4.85
N GLY A 33 -12.71 13.26 -4.95
CA GLY A 33 -12.49 14.23 -3.87
C GLY A 33 -11.12 14.88 -3.86
N GLU A 34 -10.67 15.29 -2.67
CA GLU A 34 -9.38 15.98 -2.53
C GLU A 34 -8.60 15.52 -1.29
N VAL A 35 -7.30 15.78 -1.29
CA VAL A 35 -6.42 15.44 -0.17
C VAL A 35 -5.62 16.64 0.31
N TRP A 36 -5.79 16.99 1.58
CA TRP A 36 -5.16 18.19 2.14
C TRP A 36 -4.17 17.87 3.26
N MET A 37 -3.21 18.77 3.45
CA MET A 37 -2.41 18.79 4.66
C MET A 37 -3.05 19.85 5.53
N GLY A 38 -3.26 19.53 6.81
CA GLY A 38 -3.88 20.46 7.71
C GLY A 38 -3.40 20.30 9.13
N TYR A 39 -4.10 20.93 10.06
CA TYR A 39 -3.77 20.84 11.47
C TYR A 39 -5.03 20.54 12.27
N TYR A 40 -4.90 19.65 13.25
CA TYR A 40 -5.98 19.41 14.18
C TYR A 40 -5.71 20.16 15.47
N ASN A 41 -6.64 21.02 15.85
CA ASN A 41 -6.50 21.79 17.07
C ASN A 41 -5.22 22.59 17.10
N GLY A 42 -4.90 23.21 15.97
CA GLY A 42 -3.82 24.18 15.91
C GLY A 42 -2.42 23.64 15.68
N HIS A 43 -2.10 22.52 16.32
CA HIS A 43 -0.71 22.06 16.38
C HIS A 43 -0.41 20.74 15.69
N THR A 44 -1.31 19.77 15.83
CA THR A 44 -1.07 18.44 15.28
C THR A 44 -1.30 18.37 13.78
N LYS A 45 -0.22 18.13 13.03
CA LYS A 45 -0.29 18.01 11.58
C LYS A 45 -0.97 16.71 11.17
N VAL A 46 -1.94 16.81 10.26
CA VAL A 46 -2.69 15.64 9.78
C VAL A 46 -2.94 15.67 8.29
N ALA A 47 -3.46 14.56 7.76
CA ALA A 47 -3.84 14.49 6.35
C ALA A 47 -5.36 14.35 6.27
N VAL A 48 -5.99 15.16 5.43
CA VAL A 48 -7.44 15.17 5.32
C VAL A 48 -7.91 14.75 3.93
N LYS A 49 -8.79 13.76 3.89
CA LYS A 49 -9.38 13.34 2.62
C LYS A 49 -10.86 13.71 2.60
N SER A 50 -11.25 14.52 1.62
CA SER A 50 -12.64 14.96 1.49
C SER A 50 -13.30 14.32 0.27
N LEU A 51 -14.52 13.86 0.45
CA LEU A 51 -15.30 13.26 -0.64
C LEU A 51 -16.03 14.36 -1.41
N LYS A 52 -15.95 14.29 -2.73
CA LYS A 52 -16.65 15.22 -3.61
C LYS A 52 -18.13 14.85 -3.65
N GLN A 53 -18.96 15.63 -2.96
CA GLN A 53 -20.38 15.33 -2.84
C GLN A 53 -20.97 14.81 -4.15
N GLY A 54 -21.53 13.60 -4.10
CA GLY A 54 -22.20 13.03 -5.27
C GLY A 54 -21.31 12.17 -6.15
N SER A 55 -20.00 12.36 -6.03
CA SER A 55 -19.04 11.62 -6.86
C SER A 55 -19.07 10.11 -6.60
N MET A 56 -19.43 9.73 -5.38
CA MET A 56 -19.49 8.33 -4.98
C MET A 56 -20.26 8.18 -3.66
N SER A 57 -20.61 6.94 -3.32
CA SER A 57 -21.39 6.66 -2.11
C SER A 57 -20.63 7.03 -0.84
N PRO A 58 -21.28 7.82 0.03
CA PRO A 58 -20.70 8.17 1.33
C PRO A 58 -20.42 6.92 2.15
N ASP A 59 -21.28 5.91 2.01
CA ASP A 59 -21.09 4.64 2.69
C ASP A 59 -19.80 3.99 2.16
N ALA A 60 -19.60 4.07 0.85
CA ALA A 60 -18.43 3.48 0.22
C ALA A 60 -17.16 4.22 0.62
N PHE A 61 -17.24 5.54 0.65
CA PHE A 61 -16.14 6.37 1.10
C PHE A 61 -15.78 6.04 2.55
N LEU A 62 -16.78 5.97 3.42
CA LEU A 62 -16.55 5.73 4.85
C LEU A 62 -16.11 4.31 5.20
N ALA A 63 -16.43 3.34 4.34
CA ALA A 63 -16.08 1.94 4.62
C ALA A 63 -14.57 1.78 4.86
N GLU A 64 -13.78 2.69 4.30
CA GLU A 64 -12.34 2.65 4.44
C GLU A 64 -11.92 2.95 5.88
N ALA A 65 -12.43 4.07 6.42
CA ALA A 65 -12.14 4.44 7.79
C ALA A 65 -12.56 3.32 8.74
N ASN A 66 -13.82 2.90 8.64
CA ASN A 66 -14.33 1.76 9.41
C ASN A 66 -13.38 0.56 9.39
N LEU A 67 -12.70 0.37 8.25
CA LEU A 67 -11.74 -0.71 8.14
C LEU A 67 -10.46 -0.40 8.92
N MET A 68 -10.01 0.85 8.85
CA MET A 68 -8.80 1.29 9.56
C MET A 68 -8.95 1.22 11.08
N LYS A 69 -10.18 1.31 11.57
CA LYS A 69 -10.41 1.17 13.00
C LYS A 69 -9.99 -0.22 13.47
N GLN A 70 -9.96 -1.18 12.56
CA GLN A 70 -9.67 -2.58 12.89
C GLN A 70 -8.20 -2.91 12.69
N LEU A 71 -7.51 -2.14 11.84
CA LEU A 71 -6.10 -2.38 11.55
C LEU A 71 -5.20 -1.27 12.10
N GLN A 72 -4.89 -1.34 13.39
CA GLN A 72 -3.99 -0.38 14.02
C GLN A 72 -2.64 -0.99 14.34
N HIS A 73 -1.57 -0.39 13.80
CA HIS A 73 -0.21 -0.87 14.00
C HIS A 73 0.76 0.26 13.67
N GLN A 74 1.98 0.17 14.18
CA GLN A 74 2.98 1.21 13.93
C GLN A 74 3.42 1.26 12.46
N ARG A 75 3.36 0.13 11.78
CA ARG A 75 3.78 0.07 10.37
C ARG A 75 2.61 0.32 9.41
N LEU A 76 1.45 0.67 9.96
CA LEU A 76 0.27 1.01 9.15
C LEU A 76 -0.18 2.45 9.40
N VAL A 77 -0.45 3.19 8.32
CA VAL A 77 -0.97 4.55 8.46
C VAL A 77 -2.20 4.53 9.35
N ARG A 78 -2.27 5.47 10.28
CA ARG A 78 -3.23 5.38 11.37
C ARG A 78 -4.41 6.35 11.24
N LEU A 79 -5.62 5.81 11.37
CA LEU A 79 -6.83 6.62 11.34
C LEU A 79 -6.82 7.61 12.50
N TYR A 80 -7.00 8.88 12.17
CA TYR A 80 -6.97 9.95 13.16
C TYR A 80 -8.39 10.32 13.61
N ALA A 81 -9.31 10.39 12.65
CA ALA A 81 -10.71 10.71 12.94
C ALA A 81 -11.52 10.90 11.66
N VAL A 82 -12.82 11.11 11.81
CA VAL A 82 -13.72 11.30 10.68
C VAL A 82 -14.66 12.47 10.93
N VAL A 83 -15.19 13.04 9.85
CA VAL A 83 -16.29 14.00 9.94
C VAL A 83 -17.42 13.51 9.05
N THR A 84 -18.49 13.01 9.66
CA THR A 84 -19.53 12.29 8.93
C THR A 84 -20.66 13.14 8.35
N GLN A 85 -20.54 14.47 8.45
CA GLN A 85 -21.46 15.36 7.74
C GLN A 85 -20.78 15.83 6.46
N GLU A 86 -21.57 16.20 5.45
CA GLU A 86 -21.01 16.59 4.15
C GLU A 86 -20.50 18.03 4.13
N PRO A 87 -19.29 18.24 3.59
CA PRO A 87 -18.42 17.22 3.00
C PRO A 87 -17.79 16.29 4.03
N ILE A 88 -17.84 14.99 3.75
CA ILE A 88 -17.27 13.99 4.64
C ILE A 88 -15.75 14.08 4.63
N TYR A 89 -15.14 13.96 5.81
CA TYR A 89 -13.69 13.95 5.92
C TYR A 89 -13.21 12.64 6.53
N ILE A 90 -12.06 12.17 6.04
CA ILE A 90 -11.34 11.07 6.67
C ILE A 90 -9.95 11.55 7.03
N ILE A 91 -9.74 11.81 8.32
CA ILE A 91 -8.47 12.36 8.79
C ILE A 91 -7.52 11.26 9.24
N THR A 92 -6.29 11.30 8.75
CA THR A 92 -5.30 10.27 9.08
C THR A 92 -3.93 10.83 9.38
N GLU A 93 -3.07 9.98 9.92
CA GLU A 93 -1.67 10.29 10.23
C GLU A 93 -0.92 10.89 9.04
N TYR A 94 -0.13 11.94 9.30
CA TYR A 94 0.60 12.64 8.24
C TYR A 94 1.98 12.07 8.02
N MET A 95 2.31 11.78 6.77
CA MET A 95 3.63 11.26 6.43
C MET A 95 4.42 12.30 5.63
N GLU A 96 5.45 12.84 6.25
CA GLU A 96 6.15 14.01 5.72
C GLU A 96 6.77 13.80 4.33
N ASN A 97 7.18 12.57 4.03
CA ASN A 97 7.89 12.32 2.78
C ASN A 97 7.03 11.71 1.67
N GLY A 98 5.72 11.78 1.83
CA GLY A 98 4.80 11.37 0.79
C GLY A 98 4.91 9.91 0.40
N SER A 99 4.44 9.58 -0.79
CA SER A 99 4.46 8.21 -1.26
C SER A 99 5.87 7.76 -1.59
N LEU A 100 6.12 6.47 -1.40
CA LEU A 100 7.44 5.90 -1.65
C LEU A 100 7.85 6.14 -3.10
N VAL A 101 6.97 5.79 -4.03
CA VAL A 101 7.28 5.90 -5.45
C VAL A 101 7.83 7.28 -5.80
N ASP A 102 7.36 8.31 -5.09
CA ASP A 102 7.83 9.68 -5.32
C ASP A 102 9.11 9.96 -4.55
N PHE A 103 9.16 9.53 -3.28
CA PHE A 103 10.33 9.77 -2.44
C PHE A 103 11.61 9.23 -3.08
N LEU A 104 11.51 8.07 -3.73
CA LEU A 104 12.67 7.44 -4.35
C LEU A 104 13.24 8.26 -5.50
N LYS A 105 12.47 9.23 -5.99
CA LYS A 105 12.88 10.02 -7.15
C LYS A 105 13.50 11.36 -6.76
N THR A 106 13.42 11.68 -5.48
CA THR A 106 13.97 12.93 -4.97
C THR A 106 15.46 12.78 -4.78
N PRO A 107 16.20 13.90 -4.70
CA PRO A 107 17.63 13.85 -4.44
C PRO A 107 17.94 13.05 -3.18
N SER A 108 17.16 13.27 -2.12
CA SER A 108 17.30 12.48 -0.90
C SER A 108 17.17 10.99 -1.18
N GLY A 109 16.04 10.59 -1.76
CA GLY A 109 15.79 9.20 -2.11
C GLY A 109 16.88 8.63 -3.00
N ILE A 110 17.27 9.40 -4.01
CA ILE A 110 18.29 8.97 -4.96
C ILE A 110 19.60 8.56 -4.27
N LYS A 111 19.98 9.31 -3.23
CA LYS A 111 21.23 9.03 -2.52
C LYS A 111 21.20 7.80 -1.60
N LEU A 112 20.02 7.22 -1.41
CA LEU A 112 19.88 6.08 -0.50
C LEU A 112 20.66 4.85 -0.97
N THR A 113 21.43 4.25 -0.07
CA THR A 113 22.20 3.05 -0.35
C THR A 113 21.29 1.83 -0.42
N ILE A 114 21.81 0.73 -0.96
CA ILE A 114 21.07 -0.53 -0.99
C ILE A 114 20.74 -1.00 0.44
N ASN A 115 21.62 -0.67 1.37
CA ASN A 115 21.40 -0.96 2.79
C ASN A 115 20.07 -0.38 3.27
N LYS A 116 19.85 0.90 3.00
CA LYS A 116 18.63 1.58 3.40
C LYS A 116 17.44 1.15 2.55
N LEU A 117 17.69 0.80 1.29
CA LEU A 117 16.63 0.31 0.42
C LEU A 117 16.09 -1.02 0.95
N LEU A 118 16.98 -1.89 1.40
CA LEU A 118 16.57 -3.16 1.99
C LEU A 118 15.89 -2.93 3.34
N ASP A 119 16.43 -2.01 4.12
CA ASP A 119 15.82 -1.62 5.39
C ASP A 119 14.34 -1.33 5.19
N MET A 120 14.04 -0.43 4.26
CA MET A 120 12.66 -0.02 4.01
C MET A 120 11.78 -1.17 3.55
N ALA A 121 12.32 -2.02 2.68
CA ALA A 121 11.59 -3.18 2.19
C ALA A 121 11.16 -4.06 3.36
N ALA A 122 12.00 -4.13 4.39
CA ALA A 122 11.71 -4.97 5.55
C ALA A 122 10.60 -4.40 6.42
N GLN A 123 10.44 -3.08 6.42
CA GLN A 123 9.42 -2.41 7.23
C GLN A 123 8.04 -2.62 6.61
N ILE A 124 7.99 -2.59 5.28
CA ILE A 124 6.75 -2.83 4.54
C ILE A 124 6.27 -4.26 4.78
N ALA A 125 7.19 -5.22 4.65
CA ALA A 125 6.88 -6.63 4.85
C ALA A 125 6.39 -6.90 6.27
N GLU A 126 6.95 -6.17 7.24
CA GLU A 126 6.55 -6.30 8.63
C GLU A 126 5.14 -5.78 8.80
N GLY A 127 4.83 -4.71 8.06
CA GLY A 127 3.49 -4.15 8.04
C GLY A 127 2.50 -5.15 7.49
N MET A 128 2.87 -5.81 6.41
CA MET A 128 2.01 -6.82 5.79
C MET A 128 1.90 -8.08 6.64
N ALA A 129 2.86 -8.31 7.53
CA ALA A 129 2.83 -9.49 8.38
C ALA A 129 1.72 -9.33 9.41
N PHE A 130 1.51 -8.09 9.85
CA PHE A 130 0.44 -7.80 10.81
C PHE A 130 -0.91 -7.98 10.13
N ILE A 131 -1.01 -7.48 8.90
CA ILE A 131 -2.21 -7.66 8.10
C ILE A 131 -2.44 -9.15 7.87
N GLU A 132 -1.39 -9.83 7.43
CA GLU A 132 -1.41 -11.27 7.21
C GLU A 132 -2.03 -12.01 8.38
N GLU A 133 -1.51 -11.77 9.59
CA GLU A 133 -1.95 -12.53 10.76
C GLU A 133 -3.36 -12.17 11.22
N ARG A 134 -3.72 -10.89 11.07
CA ARG A 134 -5.04 -10.42 11.49
C ARG A 134 -6.12 -10.90 10.52
N ASN A 135 -5.69 -11.60 9.48
CA ASN A 135 -6.60 -12.16 8.50
C ASN A 135 -7.18 -11.14 7.53
N TYR A 136 -6.37 -10.15 7.19
CA TYR A 136 -6.75 -9.18 6.16
C TYR A 136 -5.88 -9.33 4.92
N ILE A 137 -6.44 -8.91 3.78
CA ILE A 137 -5.66 -8.76 2.55
C ILE A 137 -5.69 -7.28 2.17
N HIS A 138 -4.69 -6.84 1.43
CA HIS A 138 -4.61 -5.43 1.04
C HIS A 138 -5.13 -5.22 -0.38
N ARG A 139 -4.69 -6.05 -1.31
CA ARG A 139 -5.21 -6.06 -2.68
C ARG A 139 -4.73 -4.90 -3.54
N ASP A 140 -3.91 -4.02 -2.97
CA ASP A 140 -3.45 -2.83 -3.70
C ASP A 140 -2.05 -2.43 -3.26
N LEU A 141 -1.19 -3.43 -3.03
CA LEU A 141 0.16 -3.18 -2.55
C LEU A 141 1.06 -2.74 -3.71
N ARG A 142 1.68 -1.57 -3.55
CA ARG A 142 2.54 -1.00 -4.59
C ARG A 142 3.21 0.27 -4.09
N ALA A 143 4.40 0.56 -4.61
CA ALA A 143 5.18 1.70 -4.14
C ALA A 143 4.32 2.94 -3.90
N ALA A 144 3.34 3.16 -4.77
CA ALA A 144 2.46 4.31 -4.65
C ALA A 144 1.68 4.32 -3.32
N ASN A 145 1.34 3.13 -2.82
CA ASN A 145 0.55 3.01 -1.61
C ASN A 145 1.39 2.71 -0.37
N ILE A 146 2.62 3.20 -0.37
CA ILE A 146 3.47 3.15 0.82
C ILE A 146 3.89 4.58 1.15
N LEU A 147 3.64 5.02 2.36
CA LEU A 147 4.01 6.39 2.74
C LEU A 147 5.30 6.42 3.53
N VAL A 148 6.03 7.54 3.46
CA VAL A 148 7.34 7.64 4.09
C VAL A 148 7.37 8.79 5.11
N SER A 149 7.92 8.51 6.29
CA SER A 149 7.95 9.48 7.38
C SER A 149 9.18 10.38 7.32
N ASP A 150 9.12 11.48 8.04
CA ASP A 150 10.23 12.43 8.10
C ASP A 150 11.52 11.77 8.60
N THR A 151 11.40 10.64 9.28
CA THR A 151 12.56 9.90 9.77
C THR A 151 12.91 8.72 8.87
N LEU A 152 12.34 8.71 7.67
CA LEU A 152 12.62 7.67 6.68
C LEU A 152 12.16 6.27 7.11
N SER A 153 10.95 6.19 7.64
CA SER A 153 10.32 4.91 7.93
C SER A 153 9.07 4.78 7.06
N CYS A 154 8.69 3.56 6.74
CA CYS A 154 7.65 3.31 5.76
C CYS A 154 6.40 2.71 6.39
N LYS A 155 5.24 2.99 5.81
CA LYS A 155 3.97 2.47 6.32
C LYS A 155 2.99 2.10 5.20
N ILE A 156 2.11 1.14 5.48
CA ILE A 156 1.08 0.74 4.54
C ILE A 156 -0.05 1.77 4.57
N ALA A 157 -0.52 2.17 3.38
CA ALA A 157 -1.60 3.15 3.27
C ALA A 157 -2.65 2.71 2.24
N ASP A 158 -3.78 3.42 2.22
CA ASP A 158 -4.87 3.17 1.27
C ASP A 158 -5.51 1.78 1.42
N PHE A 159 -6.45 1.68 2.36
CA PHE A 159 -7.09 0.40 2.66
C PHE A 159 -8.47 0.32 2.01
N GLY A 160 -8.65 1.04 0.92
CA GLY A 160 -9.92 1.08 0.19
C GLY A 160 -10.37 -0.28 -0.33
N LEU A 161 -9.42 -1.05 -0.84
CA LEU A 161 -9.73 -2.37 -1.41
C LEU A 161 -9.54 -3.51 -0.41
N ALA A 162 -8.98 -3.17 0.76
CA ALA A 162 -8.65 -4.16 1.79
C ALA A 162 -9.89 -4.90 2.30
N ARG A 163 -9.73 -6.18 2.62
CA ARG A 163 -10.86 -6.99 3.07
C ARG A 163 -10.52 -7.90 4.25
N LEU A 164 -11.53 -8.23 5.05
CA LEU A 164 -11.40 -9.25 6.09
C LEU A 164 -11.72 -10.60 5.46
N ILE A 165 -11.09 -11.65 5.95
CA ILE A 165 -11.25 -12.97 5.35
C ILE A 165 -11.56 -14.04 6.39
N GLU A 166 -12.59 -14.84 6.12
CA GLU A 166 -12.85 -16.02 6.94
C GLU A 166 -12.43 -17.29 6.19
N ASP A 167 -13.09 -17.56 5.06
CA ASP A 167 -12.82 -18.76 4.29
C ASP A 167 -11.69 -18.61 3.25
N ASN A 168 -10.51 -18.22 3.72
CA ASN A 168 -9.30 -18.19 2.88
C ASN A 168 -9.21 -17.05 1.86
N GLU A 169 -10.23 -16.89 1.02
CA GLU A 169 -10.17 -15.91 -0.08
C GLU A 169 -11.42 -15.06 -0.26
N THR A 171 -13.48 -13.10 -3.24
CA THR A 171 -13.65 -13.09 -4.68
C THR A 171 -14.31 -11.78 -5.11
N ALA A 172 -13.66 -11.05 -6.01
CA ALA A 172 -14.13 -9.74 -6.45
C ALA A 172 -15.29 -9.83 -7.44
N ARG A 173 -15.84 -8.67 -7.80
CA ARG A 173 -16.94 -8.59 -8.76
C ARG A 173 -16.57 -9.19 -10.13
N GLU A 174 -17.57 -9.36 -10.98
CA GLU A 174 -17.40 -10.00 -12.28
C GLU A 174 -16.58 -9.17 -13.26
N GLY A 175 -16.87 -7.87 -13.33
CA GLY A 175 -16.23 -7.00 -14.32
C GLY A 175 -15.22 -6.02 -13.76
N ALA A 176 -14.78 -6.24 -12.52
CA ALA A 176 -13.80 -5.37 -11.89
C ALA A 176 -12.41 -5.63 -12.46
N LYS A 177 -11.69 -4.56 -12.76
CA LYS A 177 -10.35 -4.66 -13.33
C LYS A 177 -9.28 -4.07 -12.40
N PHE A 178 -8.11 -4.71 -12.36
CA PHE A 178 -7.04 -4.27 -11.48
C PHE A 178 -5.76 -3.98 -12.28
N PRO A 179 -4.81 -3.26 -11.66
CA PRO A 179 -3.55 -2.97 -12.33
C PRO A 179 -2.84 -4.28 -12.63
N ILE A 180 -2.67 -4.59 -13.91
CA ILE A 180 -2.18 -5.90 -14.31
C ILE A 180 -0.76 -6.23 -13.85
N LYS A 181 0.16 -5.28 -13.98
CA LYS A 181 1.56 -5.52 -13.64
C LYS A 181 1.78 -5.92 -12.18
N TRP A 182 0.98 -5.34 -11.29
CA TRP A 182 1.16 -5.52 -9.85
C TRP A 182 0.34 -6.67 -9.28
N THR A 183 -0.58 -7.21 -10.08
CA THR A 183 -1.55 -8.15 -9.57
C THR A 183 -1.28 -9.61 -9.95
N ALA A 184 -1.45 -10.50 -8.97
CA ALA A 184 -1.21 -11.92 -9.18
C ALA A 184 -2.17 -12.47 -10.22
N PRO A 185 -1.69 -13.40 -11.06
CA PRO A 185 -2.49 -14.03 -12.11
C PRO A 185 -3.87 -14.53 -11.65
N GLU A 186 -3.90 -15.31 -10.58
CA GLU A 186 -5.15 -15.88 -10.10
C GLU A 186 -6.16 -14.78 -9.76
N ALA A 187 -5.66 -13.59 -9.43
CA ALA A 187 -6.55 -12.48 -9.11
C ALA A 187 -7.03 -11.81 -10.38
N ILE A 188 -6.13 -11.64 -11.34
CA ILE A 188 -6.51 -11.15 -12.66
C ILE A 188 -7.44 -12.14 -13.35
N ASN A 189 -7.02 -13.39 -13.45
CA ASN A 189 -7.78 -14.41 -14.15
C ASN A 189 -9.13 -14.78 -13.51
N TYR A 190 -9.11 -15.06 -12.21
CA TYR A 190 -10.28 -15.60 -11.54
C TYR A 190 -10.93 -14.63 -10.56
N GLY A 191 -10.30 -13.49 -10.33
CA GLY A 191 -10.80 -12.52 -9.36
C GLY A 191 -10.76 -13.06 -7.94
N THR A 192 -9.94 -14.08 -7.70
CA THR A 192 -9.75 -14.62 -6.36
C THR A 192 -8.49 -14.05 -5.66
N PHE A 193 -8.70 -13.41 -4.51
CA PHE A 193 -7.62 -12.77 -3.77
C PHE A 193 -7.33 -13.50 -2.45
N THR A 194 -6.05 -13.74 -2.19
CA THR A 194 -5.60 -14.25 -0.89
C THR A 194 -4.41 -13.42 -0.43
N ILE A 195 -3.96 -13.65 0.79
CA ILE A 195 -2.77 -12.94 1.27
C ILE A 195 -1.63 -13.20 0.29
N LYS A 196 -1.68 -14.35 -0.38
CA LYS A 196 -0.65 -14.73 -1.35
C LYS A 196 -0.72 -13.88 -2.62
N SER A 197 -1.87 -13.28 -2.88
CA SER A 197 -1.99 -12.31 -3.95
C SER A 197 -1.17 -11.08 -3.58
N ASP A 198 -1.20 -10.73 -2.29
CA ASP A 198 -0.46 -9.57 -1.80
C ASP A 198 1.04 -9.83 -1.86
N VAL A 199 1.45 -11.04 -1.51
CA VAL A 199 2.86 -11.41 -1.56
C VAL A 199 3.45 -11.18 -2.95
N TRP A 200 2.67 -11.56 -3.98
CA TRP A 200 3.09 -11.36 -5.37
C TRP A 200 3.31 -9.89 -5.68
N SER A 201 2.40 -9.04 -5.21
CA SER A 201 2.53 -7.61 -5.38
C SER A 201 3.80 -7.12 -4.71
N PHE A 202 4.06 -7.64 -3.52
CA PHE A 202 5.28 -7.30 -2.80
C PHE A 202 6.49 -7.55 -3.71
N GLY A 203 6.48 -8.67 -4.42
CA GLY A 203 7.51 -8.95 -5.40
C GLY A 203 7.69 -7.81 -6.39
N ILE A 204 6.58 -7.28 -6.90
CA ILE A 204 6.64 -6.13 -7.80
C ILE A 204 7.15 -4.91 -7.06
N LEU A 205 6.77 -4.81 -5.79
CA LEU A 205 7.13 -3.66 -4.97
C LEU A 205 8.64 -3.59 -4.79
N LEU A 206 9.27 -4.75 -4.66
CA LEU A 206 10.72 -4.81 -4.54
C LEU A 206 11.44 -4.30 -5.79
N THR A 207 10.82 -4.46 -6.95
CA THR A 207 11.40 -3.96 -8.19
C THR A 207 11.29 -2.45 -8.22
N GLU A 208 10.18 -1.94 -7.68
CA GLU A 208 9.97 -0.50 -7.58
C GLU A 208 10.98 0.13 -6.63
N ILE A 209 11.24 -0.53 -5.50
CA ILE A 209 12.21 -0.02 -4.53
C ILE A 209 13.60 0.00 -5.14
N VAL A 210 14.07 -1.15 -5.60
CA VAL A 210 15.42 -1.30 -6.11
C VAL A 210 15.73 -0.43 -7.34
N THR A 211 14.70 -0.04 -8.09
CA THR A 211 14.88 0.77 -9.29
C THR A 211 14.50 2.24 -9.08
N HIS A 212 14.15 2.58 -7.84
CA HIS A 212 13.78 3.95 -7.49
C HIS A 212 12.50 4.42 -8.17
N GLY A 213 11.48 3.57 -8.15
CA GLY A 213 10.14 3.96 -8.61
C GLY A 213 9.88 3.82 -10.11
N ARG A 214 10.65 2.98 -10.77
CA ARG A 214 10.45 2.72 -12.19
C ARG A 214 9.26 1.78 -12.42
N ILE A 215 8.59 1.95 -13.55
CA ILE A 215 7.46 1.11 -13.93
C ILE A 215 7.89 -0.32 -14.23
N PRO A 216 7.34 -1.30 -13.49
CA PRO A 216 7.74 -2.69 -13.66
C PRO A 216 7.59 -3.18 -15.09
N TYR A 217 8.37 -4.19 -15.45
CA TYR A 217 8.28 -4.79 -16.78
C TYR A 217 8.56 -3.74 -17.85
N PRO A 218 9.77 -3.16 -17.85
CA PRO A 218 10.10 -2.06 -18.76
C PRO A 218 9.93 -2.44 -20.23
N GLY A 219 9.31 -1.55 -21.00
CA GLY A 219 9.13 -1.75 -22.44
C GLY A 219 8.11 -2.83 -22.77
N MET A 220 7.23 -3.12 -21.82
CA MET A 220 6.22 -4.16 -22.01
C MET A 220 4.79 -3.68 -21.74
N THR A 221 3.89 -4.03 -22.67
CA THR A 221 2.47 -3.80 -22.49
C THR A 221 1.87 -4.91 -21.62
N ASN A 222 0.69 -4.67 -21.09
CA ASN A 222 0.01 -5.66 -20.25
C ASN A 222 -0.09 -7.04 -20.90
N PRO A 223 -0.56 -7.11 -22.15
CA PRO A 223 -0.66 -8.40 -22.83
C PRO A 223 0.70 -9.08 -22.99
N GLU A 224 1.73 -8.29 -23.28
CA GLU A 224 3.07 -8.84 -23.34
C GLU A 224 3.44 -9.42 -21.99
N VAL A 225 2.99 -8.76 -20.93
CA VAL A 225 3.28 -9.20 -19.56
C VAL A 225 2.53 -10.50 -19.24
N ILE A 226 1.23 -10.51 -19.52
CA ILE A 226 0.41 -11.70 -19.32
C ILE A 226 0.96 -12.86 -20.15
N GLN A 227 1.45 -12.54 -21.34
CA GLN A 227 1.90 -13.54 -22.29
C GLN A 227 3.21 -14.18 -21.83
N ASN A 228 4.08 -13.40 -21.19
CA ASN A 228 5.36 -13.90 -20.68
C ASN A 228 5.16 -14.77 -19.44
N LEU A 229 4.34 -14.31 -18.51
CA LEU A 229 4.11 -15.05 -17.28
C LEU A 229 3.61 -16.46 -17.58
N GLU A 230 2.67 -16.57 -18.52
CA GLU A 230 2.08 -17.88 -18.83
C GLU A 230 3.10 -18.85 -19.40
N ARG A 231 4.23 -18.32 -19.88
CA ARG A 231 5.30 -19.14 -20.45
C ARG A 231 6.23 -19.69 -19.38
N GLY A 232 6.24 -19.04 -18.22
CA GLY A 232 7.17 -19.43 -17.16
C GLY A 232 8.13 -18.30 -16.80
N TYR A 233 8.22 -17.31 -17.67
CA TYR A 233 9.06 -16.14 -17.47
C TYR A 233 8.57 -15.31 -16.28
N ARG A 234 9.50 -14.59 -15.68
CA ARG A 234 9.18 -13.56 -14.69
C ARG A 234 9.94 -12.32 -15.11
N MET A 235 9.81 -11.24 -14.35
CA MET A 235 10.46 -9.99 -14.71
C MET A 235 11.96 -10.13 -14.86
N VAL A 236 12.49 -9.63 -15.98
CA VAL A 236 13.92 -9.57 -16.24
C VAL A 236 14.63 -8.92 -15.06
N ARG A 237 15.74 -9.51 -14.63
CA ARG A 237 16.55 -8.92 -13.57
C ARG A 237 16.71 -7.42 -13.76
N PRO A 238 16.16 -6.62 -12.83
CA PRO A 238 16.27 -5.16 -12.94
C PRO A 238 17.72 -4.69 -12.89
N ASP A 239 18.01 -3.57 -13.56
CA ASP A 239 19.36 -3.01 -13.52
C ASP A 239 19.81 -2.80 -12.08
N ASN A 240 21.05 -3.17 -11.80
CA ASN A 240 21.59 -3.08 -10.44
C ASN A 240 20.60 -3.59 -9.38
N CYS A 241 20.64 -4.90 -9.16
CA CYS A 241 19.76 -5.56 -8.20
C CYS A 241 20.50 -6.74 -7.60
N PRO A 242 20.77 -6.69 -6.28
CA PRO A 242 21.46 -7.80 -5.67
C PRO A 242 20.78 -9.11 -6.06
N GLU A 243 21.57 -10.10 -6.46
CA GLU A 243 21.01 -11.38 -6.86
C GLU A 243 20.21 -12.04 -5.73
N GLU A 244 20.67 -11.85 -4.49
CA GLU A 244 19.91 -12.34 -3.34
C GLU A 244 18.49 -11.80 -3.36
N LEU A 245 18.38 -10.48 -3.48
CA LEU A 245 17.07 -9.82 -3.50
C LEU A 245 16.24 -10.29 -4.67
N TYR A 246 16.89 -10.56 -5.79
CA TYR A 246 16.18 -10.99 -6.98
C TYR A 246 15.53 -12.36 -6.81
N GLN A 247 16.22 -13.27 -6.11
CA GLN A 247 15.69 -14.62 -5.87
C GLN A 247 14.55 -14.58 -4.87
N LEU A 248 14.56 -13.56 -4.02
CA LEU A 248 13.47 -13.36 -3.08
C LEU A 248 12.27 -12.91 -3.87
N MET A 249 12.51 -12.06 -4.87
CA MET A 249 11.46 -11.64 -5.78
C MET A 249 10.81 -12.87 -6.40
N ARG A 250 11.62 -13.84 -6.81
CA ARG A 250 11.09 -15.03 -7.46
C ARG A 250 10.18 -15.87 -6.56
N LEU A 251 10.56 -16.02 -5.28
CA LEU A 251 9.70 -16.71 -4.32
C LEU A 251 8.32 -16.07 -4.29
N CYS A 252 8.28 -14.75 -4.20
CA CYS A 252 7.02 -14.00 -4.25
C CYS A 252 6.25 -14.27 -5.54
N TRP A 253 6.96 -14.70 -6.59
CA TRP A 253 6.36 -14.90 -7.90
C TRP A 253 6.17 -16.36 -8.30
N LYS A 254 6.16 -17.27 -7.34
CA LYS A 254 5.90 -18.68 -7.62
C LYS A 254 4.51 -18.85 -8.24
N GLU A 255 4.37 -19.88 -9.07
CA GLU A 255 3.13 -20.11 -9.83
C GLU A 255 1.93 -20.41 -8.95
N ARG A 256 2.10 -21.33 -7.98
CA ARG A 256 1.05 -21.64 -7.03
C ARG A 256 1.14 -20.73 -5.80
N PRO A 257 0.02 -20.07 -5.47
CA PRO A 257 -0.07 -19.20 -4.30
C PRO A 257 0.45 -19.87 -3.03
N GLU A 258 0.07 -21.11 -2.79
CA GLU A 258 0.44 -21.77 -1.54
C GLU A 258 1.95 -22.02 -1.43
N ASP A 259 2.67 -21.83 -2.53
CA ASP A 259 4.11 -22.06 -2.55
C ASP A 259 4.88 -20.77 -2.30
N ARG A 260 4.19 -19.64 -2.40
CA ARG A 260 4.81 -18.35 -2.12
C ARG A 260 5.01 -18.24 -0.62
N PRO A 261 6.02 -17.46 -0.20
CA PRO A 261 6.38 -17.32 1.21
C PRO A 261 5.33 -16.58 2.03
N THR A 262 5.44 -16.65 3.35
CA THR A 262 4.62 -15.80 4.22
C THR A 262 5.23 -14.40 4.30
N PHE A 263 4.48 -13.44 4.79
CA PHE A 263 5.04 -12.09 4.96
C PHE A 263 5.97 -12.04 6.17
N ASP A 264 5.73 -12.93 7.13
CA ASP A 264 6.58 -13.03 8.30
C ASP A 264 7.97 -13.55 7.92
N TYR A 265 8.01 -14.56 7.06
CA TYR A 265 9.28 -15.07 6.55
C TYR A 265 10.03 -13.97 5.79
N LEU A 266 9.32 -13.28 4.91
CA LEU A 266 9.90 -12.19 4.14
C LEU A 266 10.57 -11.12 5.00
N ARG A 267 9.87 -10.64 6.01
CA ARG A 267 10.45 -9.67 6.94
C ARG A 267 11.78 -10.19 7.48
N SER A 268 11.73 -11.36 8.10
CA SER A 268 12.92 -11.99 8.65
C SER A 268 14.07 -12.03 7.65
N VAL A 269 13.79 -12.46 6.43
CA VAL A 269 14.82 -12.58 5.40
C VAL A 269 15.45 -11.23 5.05
N LEU A 270 14.61 -10.20 4.92
CA LEU A 270 15.09 -8.89 4.55
C LEU A 270 15.93 -8.26 5.65
N GLU A 271 15.58 -8.55 6.90
CA GLU A 271 16.36 -8.04 8.03
C GLU A 271 17.77 -8.61 8.06
N ASP A 272 17.90 -9.89 7.73
CA ASP A 272 19.22 -10.50 7.57
C ASP A 272 19.97 -9.85 6.42
N PHE A 273 19.27 -9.53 5.33
CA PHE A 273 19.89 -8.83 4.20
C PHE A 273 20.35 -7.44 4.62
N PHE A 274 19.59 -6.82 5.53
CA PHE A 274 19.87 -5.47 5.99
C PHE A 274 21.12 -5.37 6.87
N THR A 275 21.23 -6.24 7.88
CA THR A 275 22.36 -6.18 8.80
C THR A 275 23.65 -6.68 8.17
N ALA A 276 23.53 -7.64 7.26
CA ALA A 276 24.70 -8.21 6.61
C ALA A 276 25.36 -7.22 5.66
N THR A 277 24.80 -6.01 5.59
CA THR A 277 25.37 -4.95 4.75
C THR A 277 25.58 -3.65 5.54
N GLU A 278 25.59 -2.56 4.98
#